data_4EDH
#
_entry.id   4EDH
#
_cell.length_a   45.597
_cell.length_b   46.807
_cell.length_c   53.101
_cell.angle_alpha   94.98
_cell.angle_beta   112.33
_cell.angle_gamma   105.83
#
_symmetry.space_group_name_H-M   'P 1'
#
loop_
_entity.id
_entity.type
_entity.pdbx_description
1 polymer 'Thymidylate kinase'
2 non-polymer "THYMIDINE-5'-PHOSPHATE"
3 non-polymer "ADENOSINE-5'-DIPHOSPHATE"
4 non-polymer 'MAGNESIUM ION'
5 non-polymer 2-AMINO-2-HYDROXYMETHYL-PROPANE-1,3-DIOL
6 non-polymer 'SULFATE ION'
7 non-polymer 1,2-ETHANEDIOL
8 water water
#
_entity_poly.entity_id   1
_entity_poly.type   'polypeptide(L)'
_entity_poly.pdbx_seq_one_letter_code
;SNAMTGLFVTLEGPEGAGKSTNRDYLAERLRERGIEVQLTREPGGTPLAERIRELLLAPSDEPMAADTELLLMFAARAQH
LAGVIRPALARGAVVLCDRFTDATYAYQGGGRGLPEARIAALESFVQGDLRPDLTLVFDLPVEIGLARAAARGRLDRFEQ
EDRRFFEAVRQTYLQRAAQAPERYQVLDAGLPLAEVQAGLDRLLPNLLERLNG
;
_entity_poly.pdbx_strand_id   A,B
#
# COMPACT_ATOMS: atom_id res chain seq x y z
N THR A 5 19.43 16.31 -13.06
CA THR A 5 20.72 16.91 -12.72
C THR A 5 20.76 17.36 -11.27
N GLY A 6 19.73 17.03 -10.52
CA GLY A 6 19.69 17.37 -9.11
C GLY A 6 20.45 16.40 -8.22
N LEU A 7 20.17 16.45 -6.93
CA LEU A 7 20.83 15.57 -5.98
C LEU A 7 19.78 15.20 -4.95
N PHE A 8 19.71 13.92 -4.62
CA PHE A 8 18.70 13.38 -3.72
C PHE A 8 19.39 13.04 -2.40
N VAL A 9 19.10 13.82 -1.36
CA VAL A 9 19.69 13.61 -0.05
C VAL A 9 18.58 13.24 0.92
N THR A 10 18.78 12.18 1.69
CA THR A 10 17.82 11.81 2.72
C THR A 10 18.43 11.90 4.11
N LEU A 11 17.57 12.12 5.10
CA LEU A 11 17.97 12.22 6.49
C LEU A 11 17.23 11.15 7.29
N GLU A 12 17.97 10.44 8.11
CA GLU A 12 17.47 9.26 8.80
C GLU A 12 17.97 9.24 10.23
N GLY A 13 17.32 8.43 11.06
CA GLY A 13 17.76 8.25 12.43
C GLY A 13 16.57 8.02 13.35
N PRO A 14 16.85 7.61 14.59
CA PRO A 14 15.83 7.41 15.61
C PRO A 14 15.01 8.67 15.88
N GLU A 15 13.88 8.48 16.54
CA GLU A 15 13.08 9.60 16.99
C GLU A 15 13.92 10.58 17.82
N GLY A 16 13.82 11.88 17.50
CA GLY A 16 14.49 12.91 18.28
C GLY A 16 15.96 13.09 17.98
N ALA A 17 16.45 12.44 16.94
CA ALA A 17 17.87 12.51 16.59
C ALA A 17 18.28 13.87 16.05
N GLY A 18 17.31 14.60 15.51
CA GLY A 18 17.56 15.91 14.97
C GLY A 18 17.44 15.97 13.45
N LYS A 19 16.71 15.02 12.87
CA LYS A 19 16.50 15.01 11.42
C LYS A 19 15.84 16.29 10.90
N SER A 20 14.71 16.64 11.49
CA SER A 20 13.94 17.78 11.01
C SER A 20 14.70 19.08 11.25
N THR A 21 15.32 19.20 12.43
CA THR A 21 16.15 20.34 12.75
C THR A 21 17.28 20.55 11.74
N ASN A 22 18.01 19.48 11.45
CA ASN A 22 19.18 19.58 10.60
C ASN A 22 18.82 19.62 9.11
N ARG A 23 17.65 19.12 8.75
CA ARG A 23 17.15 19.36 7.40
C ARG A 23 17.10 20.86 7.13
N ASP A 24 16.54 21.59 8.08
CA ASP A 24 16.36 23.02 7.88
C ASP A 24 17.71 23.76 7.92
N TYR A 25 18.63 23.30 8.76
CA TYR A 25 19.98 23.85 8.80
C TYR A 25 20.69 23.68 7.46
N LEU A 26 20.70 22.47 6.94
CA LEU A 26 21.35 22.21 5.67
C LEU A 26 20.69 23.02 4.54
N ALA A 27 19.37 23.12 4.58
CA ALA A 27 18.66 23.89 3.56
C ALA A 27 19.15 25.33 3.54
N GLU A 28 19.34 25.94 4.71
CA GLU A 28 19.77 27.33 4.74
CA GLU A 28 19.79 27.31 4.77
C GLU A 28 21.21 27.46 4.26
N ARG A 29 22.06 26.52 4.62
CA ARG A 29 23.44 26.58 4.17
C ARG A 29 23.53 26.48 2.65
N LEU A 30 22.68 25.65 2.06
CA LEU A 30 22.67 25.50 0.61
C LEU A 30 22.04 26.71 -0.07
N ARG A 31 20.90 27.17 0.46
CA ARG A 31 20.20 28.28 -0.17
C ARG A 31 21.01 29.56 -0.12
N GLU A 32 21.78 29.75 0.96
CA GLU A 32 22.65 30.92 1.12
CA GLU A 32 22.57 30.97 1.05
C GLU A 32 23.72 30.94 0.05
N ARG A 33 23.96 29.79 -0.55
CA ARG A 33 24.96 29.66 -1.60
C ARG A 33 24.34 29.67 -3.00
N GLY A 34 23.04 29.95 -3.07
CA GLY A 34 22.37 30.13 -4.35
C GLY A 34 21.90 28.83 -4.97
N ILE A 35 21.71 27.82 -4.15
CA ILE A 35 21.27 26.52 -4.63
C ILE A 35 19.78 26.33 -4.37
N GLU A 36 19.05 25.84 -5.38
CA GLU A 36 17.63 25.54 -5.20
C GLU A 36 17.49 24.27 -4.38
N VAL A 37 16.69 24.34 -3.32
CA VAL A 37 16.50 23.19 -2.44
C VAL A 37 15.02 22.95 -2.22
N GLN A 38 14.60 21.72 -2.47
CA GLN A 38 13.23 21.28 -2.21
C GLN A 38 13.23 20.45 -0.93
N LEU A 39 12.45 20.86 0.05
CA LEU A 39 12.38 20.16 1.32
C LEU A 39 11.12 19.34 1.38
N THR A 40 11.23 18.12 1.87
CA THR A 40 10.08 17.23 1.95
C THR A 40 10.30 16.18 3.04
N ARG A 41 9.31 15.31 3.25
CA ARG A 41 9.34 14.35 4.35
C ARG A 41 8.45 13.16 4.04
N GLU A 42 8.74 12.03 4.69
CA GLU A 42 7.96 10.80 4.51
C GLU A 42 7.66 10.16 5.86
N PRO A 43 6.54 9.42 5.92
CA PRO A 43 5.53 9.34 4.87
C PRO A 43 4.82 10.69 4.74
N GLY A 44 4.42 11.03 3.53
CA GLY A 44 3.82 12.33 3.29
C GLY A 44 4.43 12.98 2.06
N GLY A 45 4.31 14.30 1.97
CA GLY A 45 4.97 15.07 0.92
C GLY A 45 4.03 15.59 -0.16
N THR A 46 2.82 15.03 -0.22
CA THR A 46 1.76 15.48 -1.13
C THR A 46 0.43 15.32 -0.39
N PRO A 47 -0.64 15.98 -0.87
CA PRO A 47 -1.91 15.87 -0.14
C PRO A 47 -2.35 14.41 0.06
N LEU A 48 -2.33 13.60 -1.00
CA LEU A 48 -2.71 12.19 -0.85
C LEU A 48 -1.73 11.45 0.07
N ALA A 49 -0.44 11.70 -0.10
CA ALA A 49 0.55 11.02 0.74
C ALA A 49 0.38 11.42 2.21
N GLU A 50 -0.03 12.66 2.46
CA GLU A 50 -0.31 13.08 3.83
C GLU A 50 -1.53 12.37 4.41
N ARG A 51 -2.54 12.09 3.57
CA ARG A 51 -3.68 11.32 4.05
CA ARG A 51 -3.69 11.32 4.03
C ARG A 51 -3.26 9.89 4.40
N ILE A 52 -2.34 9.32 3.62
CA ILE A 52 -1.85 7.98 3.89
C ILE A 52 -1.04 8.01 5.20
N ARG A 53 -0.22 9.05 5.37
CA ARG A 53 0.52 9.27 6.62
C ARG A 53 -0.43 9.21 7.81
N GLU A 54 -1.56 9.91 7.71
CA GLU A 54 -2.51 9.94 8.81
CA GLU A 54 -2.54 9.93 8.79
C GLU A 54 -3.01 8.53 9.15
N LEU A 55 -3.27 7.71 8.14
CA LEU A 55 -3.70 6.33 8.38
C LEU A 55 -2.59 5.54 9.07
N LEU A 56 -1.35 5.81 8.69
CA LEU A 56 -0.22 5.06 9.23
C LEU A 56 0.03 5.41 10.68
N LEU A 57 -0.26 6.64 11.06
CA LEU A 57 0.09 7.11 12.39
C LEU A 57 -1.05 7.04 13.42
N ALA A 58 -2.29 7.03 12.96
CA ALA A 58 -3.41 7.13 13.91
C ALA A 58 -3.65 5.83 14.66
N PRO A 59 -3.63 5.88 16.00
CA PRO A 59 -3.92 4.67 16.76
C PRO A 59 -5.34 4.17 16.53
N SER A 60 -5.53 2.86 16.62
CA SER A 60 -6.83 2.26 16.40
C SER A 60 -6.92 0.98 17.24
N ASP A 61 -8.14 0.62 17.63
CA ASP A 61 -8.36 -0.65 18.32
C ASP A 61 -8.22 -1.83 17.36
N GLU A 62 -8.20 -1.52 16.06
CA GLU A 62 -7.95 -2.52 15.04
C GLU A 62 -6.47 -2.59 14.76
N PRO A 63 -5.84 -3.73 15.05
CA PRO A 63 -4.40 -3.84 14.77
C PRO A 63 -4.16 -3.82 13.26
N MET A 64 -3.12 -3.11 12.85
CA MET A 64 -2.74 -3.02 11.46
C MET A 64 -1.79 -4.15 11.13
N ALA A 65 -2.10 -4.94 10.11
CA ALA A 65 -1.19 -6.00 9.71
C ALA A 65 0.14 -5.40 9.24
N ALA A 66 1.23 -6.08 9.53
CA ALA A 66 2.54 -5.59 9.14
C ALA A 66 2.63 -5.38 7.62
N ASP A 67 2.02 -6.28 6.85
CA ASP A 67 2.01 -6.13 5.40
C ASP A 67 1.27 -4.88 4.97
N THR A 68 0.17 -4.56 5.66
CA THR A 68 -0.59 -3.35 5.37
C THR A 68 0.27 -2.11 5.63
N GLU A 69 0.94 -2.09 6.79
CA GLU A 69 1.82 -0.98 7.12
C GLU A 69 2.91 -0.78 6.06
N LEU A 70 3.54 -1.88 5.66
CA LEU A 70 4.58 -1.85 4.63
C LEU A 70 4.03 -1.33 3.29
N LEU A 71 2.88 -1.85 2.87
CA LEU A 71 2.30 -1.44 1.58
C LEU A 71 1.85 0.01 1.59
N LEU A 72 1.30 0.49 2.71
CA LEU A 72 0.91 1.90 2.83
C LEU A 72 2.12 2.80 2.76
N MET A 73 3.21 2.41 3.43
CA MET A 73 4.42 3.23 3.41
C MET A 73 4.91 3.36 1.96
N PHE A 74 4.88 2.26 1.23
CA PHE A 74 5.34 2.31 -0.15
C PHE A 74 4.36 3.00 -1.10
N ALA A 75 3.06 2.92 -0.81
CA ALA A 75 2.07 3.63 -1.61
C ALA A 75 2.28 5.14 -1.46
N ALA A 76 2.49 5.61 -0.23
CA ALA A 76 2.78 7.01 -0.02
C ALA A 76 4.08 7.40 -0.74
N ARG A 77 5.09 6.52 -0.66
CA ARG A 77 6.35 6.77 -1.37
C ARG A 77 6.16 6.88 -2.88
N ALA A 78 5.37 6.00 -3.48
CA ALA A 78 5.13 6.06 -4.92
C ALA A 78 4.54 7.40 -5.32
N GLN A 79 3.60 7.88 -4.53
CA GLN A 79 2.92 9.12 -4.85
C GLN A 79 3.89 10.31 -4.69
N HIS A 80 4.67 10.27 -3.63
CA HIS A 80 5.66 11.30 -3.32
C HIS A 80 6.75 11.34 -4.39
N LEU A 81 7.23 10.18 -4.81
CA LEU A 81 8.20 10.14 -5.90
C LEU A 81 7.66 10.76 -7.19
N ALA A 82 6.44 10.41 -7.54
CA ALA A 82 5.87 10.88 -8.80
C ALA A 82 5.56 12.37 -8.74
N GLY A 83 5.07 12.84 -7.61
CA GLY A 83 4.57 14.19 -7.48
C GLY A 83 5.58 15.25 -7.07
N VAL A 84 6.60 14.86 -6.31
CA VAL A 84 7.55 15.82 -5.74
C VAL A 84 9.01 15.50 -6.05
N ILE A 85 9.46 14.30 -5.70
CA ILE A 85 10.90 14.01 -5.78
C ILE A 85 11.42 13.94 -7.21
N ARG A 86 10.77 13.15 -8.06
CA ARG A 86 11.27 13.06 -9.43
C ARG A 86 11.20 14.40 -10.16
N PRO A 87 10.08 15.15 -10.00
CA PRO A 87 10.05 16.45 -10.68
C PRO A 87 11.13 17.40 -10.17
N ALA A 88 11.43 17.38 -8.87
CA ALA A 88 12.46 18.26 -8.32
C ALA A 88 13.83 17.87 -8.88
N LEU A 89 14.12 16.57 -8.92
CA LEU A 89 15.39 16.09 -9.47
C LEU A 89 15.51 16.47 -10.95
N ALA A 90 14.40 16.39 -11.69
CA ALA A 90 14.40 16.77 -13.10
C ALA A 90 14.66 18.27 -13.29
N ARG A 91 14.27 19.08 -12.30
CA ARG A 91 14.53 20.52 -12.32
C ARG A 91 15.98 20.85 -11.98
N GLY A 92 16.72 19.86 -11.47
CA GLY A 92 18.09 20.08 -11.04
C GLY A 92 18.20 20.54 -9.59
N ALA A 93 17.12 20.44 -8.84
CA ALA A 93 17.14 20.85 -7.44
C ALA A 93 17.81 19.83 -6.53
N VAL A 94 18.29 20.30 -5.39
CA VAL A 94 18.69 19.40 -4.32
C VAL A 94 17.41 19.09 -3.56
N VAL A 95 17.11 17.81 -3.39
CA VAL A 95 16.01 17.40 -2.55
C VAL A 95 16.57 16.99 -1.19
N LEU A 96 16.04 17.57 -0.12
CA LEU A 96 16.38 17.13 1.23
C LEU A 96 15.12 16.51 1.80
N CYS A 97 15.15 15.20 1.95
CA CYS A 97 13.98 14.44 2.34
C CYS A 97 14.18 13.81 3.70
N ASP A 98 13.31 14.21 4.62
CA ASP A 98 13.28 13.74 6.00
C ASP A 98 12.62 12.36 6.02
N ARG A 99 13.46 11.33 6.02
CA ARG A 99 13.10 9.90 5.96
C ARG A 99 12.80 9.40 4.55
N PHE A 100 13.21 8.17 4.28
CA PHE A 100 12.91 7.52 3.01
C PHE A 100 12.97 6.02 3.23
N THR A 101 13.38 5.27 2.22
CA THR A 101 13.28 3.82 2.31
C THR A 101 14.19 3.18 3.39
N ASP A 102 15.30 3.82 3.77
CA ASP A 102 16.06 3.28 4.90
C ASP A 102 15.18 3.15 6.16
N ALA A 103 14.30 4.12 6.36
CA ALA A 103 13.36 4.03 7.47
C ALA A 103 12.47 2.79 7.35
N THR A 104 12.12 2.39 6.13
CA THR A 104 11.29 1.21 5.96
C THR A 104 12.08 -0.04 6.39
N TYR A 105 13.33 -0.16 5.93
CA TYR A 105 14.18 -1.24 6.40
C TYR A 105 14.30 -1.25 7.92
N ALA A 106 14.42 -0.07 8.51
CA ALA A 106 14.66 0.02 9.96
C ALA A 106 13.38 -0.28 10.78
N TYR A 107 12.28 0.38 10.42
CA TYR A 107 11.02 0.24 11.15
C TYR A 107 10.24 -1.02 10.78
N GLN A 108 10.02 -1.23 9.48
CA GLN A 108 9.28 -2.41 9.04
C GLN A 108 10.12 -3.68 9.06
N GLY A 109 11.41 -3.57 8.78
CA GLY A 109 12.30 -4.72 8.85
C GLY A 109 12.76 -4.99 10.27
N GLY A 110 13.55 -4.09 10.82
CA GLY A 110 14.08 -4.27 12.16
C GLY A 110 13.00 -4.28 13.22
N GLY A 111 12.14 -3.26 13.20
CA GLY A 111 11.08 -3.13 14.19
C GLY A 111 10.01 -4.21 14.10
N ARG A 112 9.41 -4.36 12.92
CA ARG A 112 8.30 -5.28 12.73
C ARG A 112 8.77 -6.71 12.48
N GLY A 113 10.03 -6.88 12.07
CA GLY A 113 10.55 -8.21 11.78
C GLY A 113 10.19 -8.74 10.41
N LEU A 114 9.74 -7.87 9.51
CA LEU A 114 9.47 -8.31 8.13
C LEU A 114 10.79 -8.61 7.44
N PRO A 115 10.82 -9.67 6.63
CA PRO A 115 12.07 -10.07 5.97
C PRO A 115 12.64 -8.97 5.09
N GLU A 116 13.95 -8.76 5.18
CA GLU A 116 14.61 -7.75 4.36
C GLU A 116 14.25 -7.92 2.89
N ALA A 117 14.16 -9.17 2.44
CA ALA A 117 13.91 -9.47 1.03
C ALA A 117 12.55 -8.96 0.55
N ARG A 118 11.56 -8.94 1.43
CA ARG A 118 10.24 -8.47 1.05
CA ARG A 118 10.24 -8.47 1.07
C ARG A 118 10.22 -6.96 0.91
N ILE A 119 10.93 -6.26 1.79
CA ILE A 119 11.08 -4.82 1.69
C ILE A 119 11.85 -4.48 0.43
N ALA A 120 12.90 -5.24 0.13
CA ALA A 120 13.68 -5.00 -1.07
C ALA A 120 12.86 -5.19 -2.34
N ALA A 121 11.94 -6.15 -2.33
CA ALA A 121 11.09 -6.38 -3.49
C ALA A 121 10.23 -5.13 -3.76
N LEU A 122 9.69 -4.52 -2.71
CA LEU A 122 8.89 -3.31 -2.89
C LEU A 122 9.73 -2.09 -3.25
N GLU A 123 10.93 -1.98 -2.67
CA GLU A 123 11.85 -0.92 -3.05
C GLU A 123 12.07 -0.92 -4.56
N SER A 124 12.40 -2.10 -5.09
CA SER A 124 12.61 -2.21 -6.52
CA SER A 124 12.60 -2.23 -6.53
C SER A 124 11.33 -1.92 -7.31
N PHE A 125 10.22 -2.43 -6.81
CA PHE A 125 8.92 -2.23 -7.43
C PHE A 125 8.58 -0.73 -7.56
N VAL A 126 8.76 0.03 -6.49
CA VAL A 126 8.37 1.44 -6.46
C VAL A 126 9.41 2.38 -7.07
N GLN A 127 10.69 2.11 -6.79
CA GLN A 127 11.73 3.05 -7.14
C GLN A 127 12.54 2.71 -8.38
N GLY A 128 12.41 1.47 -8.85
CA GLY A 128 13.35 0.98 -9.83
C GLY A 128 14.74 1.07 -9.26
N ASP A 129 15.66 1.69 -9.98
CA ASP A 129 17.04 1.78 -9.53
CA ASP A 129 17.04 1.79 -9.53
C ASP A 129 17.33 3.09 -8.80
N LEU A 130 16.30 3.91 -8.59
CA LEU A 130 16.50 5.19 -7.92
CA LEU A 130 16.51 5.19 -7.91
C LEU A 130 16.88 4.98 -6.46
N ARG A 131 17.99 5.59 -6.04
CA ARG A 131 18.43 5.57 -4.65
C ARG A 131 18.89 6.97 -4.28
N PRO A 132 18.87 7.30 -2.98
CA PRO A 132 19.47 8.58 -2.59
C PRO A 132 20.93 8.65 -3.01
N ASP A 133 21.38 9.83 -3.41
CA ASP A 133 22.80 10.08 -3.65
C ASP A 133 23.59 10.14 -2.35
N LEU A 134 22.94 10.57 -1.28
CA LEU A 134 23.58 10.71 0.02
C LEU A 134 22.53 10.55 1.10
N THR A 135 22.83 9.76 2.11
CA THR A 135 21.93 9.59 3.24
C THR A 135 22.68 9.92 4.53
N LEU A 136 22.14 10.86 5.28
CA LEU A 136 22.75 11.30 6.52
C LEU A 136 22.02 10.60 7.66
N VAL A 137 22.74 9.78 8.41
CA VAL A 137 22.16 9.06 9.55
C VAL A 137 22.55 9.78 10.83
N PHE A 138 21.55 10.23 11.57
CA PHE A 138 21.76 10.91 12.84
C PHE A 138 21.59 9.90 13.95
N ASP A 139 22.71 9.36 14.41
CA ASP A 139 22.69 8.24 15.33
C ASP A 139 22.89 8.68 16.76
N LEU A 140 22.10 8.11 17.67
CA LEU A 140 22.30 8.32 19.10
C LEU A 140 21.52 7.28 19.87
N PRO A 141 21.81 7.14 21.17
CA PRO A 141 21.06 6.19 22.01
C PRO A 141 19.58 6.56 21.98
N VAL A 142 18.73 5.55 21.81
CA VAL A 142 17.34 5.85 21.54
CA VAL A 142 17.30 5.75 21.63
C VAL A 142 16.68 6.64 22.68
N GLU A 143 17.01 6.36 23.94
CA GLU A 143 16.38 7.07 25.03
C GLU A 143 16.72 8.56 25.03
N ILE A 144 17.92 8.90 24.56
CA ILE A 144 18.29 10.30 24.49
C ILE A 144 17.41 11.01 23.46
N GLY A 145 17.20 10.37 22.31
CA GLY A 145 16.27 10.89 21.31
C GLY A 145 14.82 10.96 21.79
N LEU A 146 14.36 9.91 22.45
CA LEU A 146 12.99 9.91 22.97
C LEU A 146 12.78 11.02 23.98
N ALA A 147 13.80 11.32 24.78
CA ALA A 147 13.69 12.39 25.77
C ALA A 147 13.66 13.77 25.12
N ARG A 148 14.42 13.92 24.04
CA ARG A 148 14.42 15.16 23.26
C ARG A 148 13.06 15.39 22.61
N ALA A 149 12.50 14.31 22.08
CA ALA A 149 11.25 14.37 21.35
C ALA A 149 10.12 14.78 22.30
N ALA A 150 10.17 14.28 23.53
CA ALA A 150 9.20 14.65 24.57
C ALA A 150 7.77 14.60 24.05
N ALA A 151 7.35 13.42 23.60
CA ALA A 151 6.01 13.25 23.04
C ALA A 151 4.95 13.64 24.06
N ARG A 152 3.94 14.39 23.59
CA ARG A 152 2.89 14.94 24.44
C ARG A 152 1.53 14.75 23.76
N GLY A 153 0.50 14.45 24.55
CA GLY A 153 -0.79 14.10 23.98
C GLY A 153 -0.84 12.65 23.54
N ARG A 154 -1.79 12.32 22.67
CA ARG A 154 -1.96 10.94 22.23
C ARG A 154 -0.77 10.47 21.38
N LEU A 155 -0.16 9.37 21.79
CA LEU A 155 0.97 8.81 21.05
C LEU A 155 0.50 8.23 19.73
N ASP A 156 1.29 8.42 18.68
CA ASP A 156 0.97 7.80 17.40
C ASP A 156 1.41 6.33 17.42
N ARG A 157 1.04 5.58 16.39
CA ARG A 157 1.24 4.14 16.39
C ARG A 157 2.69 3.73 16.64
N PHE A 158 3.65 4.49 16.13
CA PHE A 158 5.06 4.15 16.33
C PHE A 158 5.56 4.60 17.70
N GLU A 159 5.07 5.73 18.16
CA GLU A 159 5.41 6.21 19.50
C GLU A 159 4.95 5.24 20.59
N GLN A 160 3.95 4.42 20.28
CA GLN A 160 3.43 3.41 21.21
C GLN A 160 4.41 2.26 21.46
N GLU A 161 5.41 2.12 20.60
CA GLU A 161 6.26 0.92 20.63
C GLU A 161 7.25 0.92 21.78
N ASP A 162 7.81 -0.25 22.09
CA ASP A 162 8.74 -0.47 23.20
CA ASP A 162 8.72 -0.29 23.24
C ASP A 162 10.20 -0.15 22.84
N ARG A 163 11.06 -0.18 23.85
CA ARG A 163 12.48 0.10 23.63
C ARG A 163 13.14 -0.90 22.67
N ARG A 164 12.74 -2.17 22.76
CA ARG A 164 13.29 -3.17 21.86
CA ARG A 164 13.28 -3.18 21.85
C ARG A 164 13.05 -2.81 20.40
N PHE A 165 11.84 -2.32 20.11
CA PHE A 165 11.48 -1.89 18.76
C PHE A 165 12.44 -0.81 18.28
N PHE A 166 12.63 0.21 19.12
CA PHE A 166 13.44 1.34 18.70
C PHE A 166 14.93 1.01 18.65
N GLU A 167 15.36 0.09 19.50
CA GLU A 167 16.73 -0.36 19.42
C GLU A 167 16.98 -1.09 18.10
N ALA A 168 16.03 -1.94 17.71
CA ALA A 168 16.15 -2.64 16.42
C ALA A 168 16.18 -1.66 15.26
N VAL A 169 15.37 -0.61 15.33
CA VAL A 169 15.39 0.46 14.35
C VAL A 169 16.78 1.09 14.27
N ARG A 170 17.32 1.49 15.43
CA ARG A 170 18.61 2.15 15.45
C ARG A 170 19.70 1.28 14.84
N GLN A 171 19.72 0.02 15.25
CA GLN A 171 20.78 -0.88 14.80
C GLN A 171 20.69 -1.17 13.31
N THR A 172 19.47 -1.21 12.78
CA THR A 172 19.29 -1.46 11.36
C THR A 172 19.88 -0.31 10.55
N TYR A 173 19.64 0.93 10.97
CA TYR A 173 20.26 2.07 10.31
C TYR A 173 21.77 1.94 10.28
N LEU A 174 22.37 1.54 11.40
CA LEU A 174 23.82 1.45 11.47
C LEU A 174 24.32 0.34 10.57
N GLN A 175 23.62 -0.78 10.53
CA GLN A 175 24.03 -1.92 9.71
C GLN A 175 24.01 -1.54 8.24
N ARG A 176 22.95 -0.87 7.82
CA ARG A 176 22.84 -0.48 6.44
C ARG A 176 23.92 0.53 6.04
N ALA A 177 24.18 1.49 6.91
CA ALA A 177 25.24 2.46 6.65
C ALA A 177 26.61 1.79 6.53
N ALA A 178 26.88 0.81 7.39
CA ALA A 178 28.19 0.17 7.42
C ALA A 178 28.46 -0.61 6.14
N GLN A 179 27.41 -1.08 5.48
CA GLN A 179 27.54 -1.89 4.27
CA GLN A 179 27.61 -1.89 4.29
C GLN A 179 27.73 -1.07 3.00
N ALA A 180 27.44 0.21 3.07
CA ALA A 180 27.58 1.07 1.89
C ALA A 180 27.98 2.48 2.25
N PRO A 181 29.15 2.65 2.88
CA PRO A 181 29.57 3.98 3.31
C PRO A 181 29.69 4.99 2.18
N GLU A 182 29.80 4.55 0.93
CA GLU A 182 29.89 5.54 -0.13
C GLU A 182 28.61 6.36 -0.24
N ARG A 183 27.50 5.83 0.28
CA ARG A 183 26.21 6.50 0.18
C ARG A 183 25.76 7.14 1.50
N TYR A 184 26.33 6.68 2.60
CA TYR A 184 25.90 7.12 3.92
C TYR A 184 26.97 7.93 4.64
N GLN A 185 26.54 8.89 5.46
CA GLN A 185 27.41 9.50 6.44
C GLN A 185 26.69 9.40 7.77
N VAL A 186 27.34 8.80 8.76
CA VAL A 186 26.75 8.67 10.09
C VAL A 186 27.28 9.76 10.99
N LEU A 187 26.37 10.58 11.51
CA LEU A 187 26.76 11.62 12.45
CA LEU A 187 26.73 11.64 12.45
C LEU A 187 26.37 11.22 13.86
N ASP A 188 27.19 11.62 14.83
CA ASP A 188 26.88 11.34 16.22
C ASP A 188 25.92 12.41 16.75
N ALA A 189 24.62 12.12 16.68
CA ALA A 189 23.59 13.06 17.09
C ALA A 189 23.52 13.21 18.61
N GLY A 190 24.34 12.44 19.34
CA GLY A 190 24.49 12.65 20.79
C GLY A 190 25.35 13.86 21.14
N LEU A 191 26.12 14.33 20.17
CA LEU A 191 26.91 15.55 20.35
C LEU A 191 25.99 16.75 20.52
N PRO A 192 26.51 17.82 21.12
CA PRO A 192 25.73 19.05 21.13
C PRO A 192 25.34 19.45 19.70
N LEU A 193 24.21 20.13 19.57
CA LEU A 193 23.73 20.50 18.25
C LEU A 193 24.78 21.27 17.46
N ALA A 194 25.52 22.16 18.12
CA ALA A 194 26.53 22.96 17.42
C ALA A 194 27.60 22.07 16.79
N GLU A 195 27.91 20.96 17.46
CA GLU A 195 28.92 20.02 16.95
C GLU A 195 28.38 19.14 15.83
N VAL A 196 27.12 18.71 15.94
CA VAL A 196 26.47 18.04 14.82
C VAL A 196 26.49 18.93 13.59
N GLN A 197 26.17 20.19 13.76
CA GLN A 197 26.10 21.11 12.63
C GLN A 197 27.47 21.46 12.05
N ALA A 198 28.48 21.52 12.90
CA ALA A 198 29.85 21.63 12.41
C ALA A 198 30.20 20.42 11.53
N GLY A 199 29.71 19.24 11.90
CA GLY A 199 29.91 18.05 11.09
C GLY A 199 29.25 18.21 9.73
N LEU A 200 28.04 18.75 9.73
CA LEU A 200 27.33 19.04 8.47
C LEU A 200 28.09 20.07 7.63
N ASP A 201 28.60 21.12 8.26
CA ASP A 201 29.35 22.14 7.53
C ASP A 201 30.52 21.49 6.81
N ARG A 202 31.14 20.51 7.46
CA ARG A 202 32.32 19.84 6.90
C ARG A 202 32.01 18.94 5.71
N LEU A 203 30.77 18.50 5.58
CA LEU A 203 30.43 17.65 4.44
CA LEU A 203 30.34 17.65 4.46
C LEU A 203 29.92 18.48 3.26
N LEU A 204 29.73 19.78 3.48
CA LEU A 204 29.25 20.68 2.44
C LEU A 204 30.04 20.61 1.13
N PRO A 205 31.38 20.73 1.20
CA PRO A 205 32.18 20.65 -0.03
C PRO A 205 31.86 19.39 -0.84
N ASN A 206 31.86 18.23 -0.19
CA ASN A 206 31.56 16.98 -0.88
C ASN A 206 30.15 16.94 -1.46
N LEU A 207 29.18 17.42 -0.69
CA LEU A 207 27.80 17.43 -1.16
C LEU A 207 27.73 18.22 -2.47
N LEU A 208 28.36 19.38 -2.47
CA LEU A 208 28.43 20.21 -3.67
C LEU A 208 29.15 19.46 -4.80
N GLU A 209 30.16 18.68 -4.43
CA GLU A 209 30.89 17.86 -5.40
C GLU A 209 29.93 16.89 -6.11
N ARG A 210 29.23 16.08 -5.33
CA ARG A 210 28.26 15.15 -5.89
C ARG A 210 27.24 15.88 -6.73
N LEU A 211 26.86 17.08 -6.27
CA LEU A 211 25.84 17.88 -6.93
C LEU A 211 26.29 18.36 -8.31
N ASN A 212 27.50 18.87 -8.41
CA ASN A 212 28.01 19.43 -9.66
C ASN A 212 28.76 18.41 -10.51
N SER B 1 -13.15 -21.68 18.66
CA SER B 1 -14.09 -21.66 17.55
C SER B 1 -14.14 -23.01 16.83
N ASN B 2 -14.95 -23.06 15.79
CA ASN B 2 -14.95 -24.21 14.89
C ASN B 2 -13.69 -24.19 14.03
N ALA B 3 -13.10 -25.37 13.81
CA ALA B 3 -12.00 -25.48 12.87
C ALA B 3 -12.35 -26.45 11.73
N MET B 4 -13.05 -25.93 10.73
CA MET B 4 -13.32 -26.65 9.48
C MET B 4 -13.14 -25.73 8.32
N THR B 5 -13.00 -26.32 7.15
CA THR B 5 -12.78 -25.56 5.92
C THR B 5 -14.05 -24.81 5.50
N GLY B 6 -13.87 -23.55 5.14
CA GLY B 6 -14.96 -22.76 4.59
C GLY B 6 -14.88 -22.70 3.08
N LEU B 7 -15.42 -21.64 2.48
CA LEU B 7 -15.34 -21.47 1.04
C LEU B 7 -15.18 -20.00 0.73
N PHE B 8 -14.25 -19.69 -0.17
CA PHE B 8 -13.97 -18.31 -0.55
C PHE B 8 -14.56 -18.04 -1.93
N VAL B 9 -15.65 -17.26 -1.98
CA VAL B 9 -16.32 -16.94 -3.23
C VAL B 9 -16.19 -15.44 -3.49
N THR B 10 -15.78 -15.08 -4.69
CA THR B 10 -15.74 -13.66 -5.04
C THR B 10 -16.70 -13.38 -6.19
N LEU B 11 -17.14 -12.12 -6.24
CA LEU B 11 -18.07 -11.66 -7.27
C LEU B 11 -17.42 -10.51 -8.02
N GLU B 12 -17.44 -10.59 -9.35
CA GLU B 12 -16.70 -9.65 -10.19
C GLU B 12 -17.55 -9.24 -11.39
N GLY B 13 -17.14 -8.15 -12.05
CA GLY B 13 -17.79 -7.73 -13.28
C GLY B 13 -17.70 -6.23 -13.45
N PRO B 14 -18.06 -5.76 -14.66
CA PRO B 14 -18.09 -4.31 -14.95
C PRO B 14 -19.03 -3.53 -14.04
N GLU B 15 -18.95 -2.20 -14.11
CA GLU B 15 -19.84 -1.34 -13.35
C GLU B 15 -21.30 -1.63 -13.66
N GLY B 16 -22.10 -1.75 -12.60
CA GLY B 16 -23.53 -1.95 -12.74
C GLY B 16 -23.96 -3.34 -13.15
N ALA B 17 -23.03 -4.30 -13.16
CA ALA B 17 -23.37 -5.66 -13.57
C ALA B 17 -24.34 -6.34 -12.61
N GLY B 18 -24.29 -5.96 -11.34
CA GLY B 18 -25.13 -6.58 -10.32
C GLY B 18 -24.36 -7.35 -9.26
N LYS B 19 -23.08 -7.05 -9.06
CA LYS B 19 -22.28 -7.78 -8.07
C LYS B 19 -22.84 -7.63 -6.67
N SER B 20 -23.10 -6.40 -6.25
CA SER B 20 -23.53 -6.15 -4.88
C SER B 20 -24.93 -6.72 -4.62
N THR B 21 -25.82 -6.53 -5.58
CA THR B 21 -27.17 -7.05 -5.46
C THR B 21 -27.13 -8.56 -5.31
N ASN B 22 -26.33 -9.20 -6.15
CA ASN B 22 -26.31 -10.65 -6.15
C ASN B 22 -25.51 -11.27 -5.02
N ARG B 23 -24.55 -10.53 -4.47
CA ARG B 23 -23.88 -10.98 -3.27
C ARG B 23 -24.92 -11.17 -2.17
N ASP B 24 -25.80 -10.18 -2.04
CA ASP B 24 -26.81 -10.23 -0.99
C ASP B 24 -27.85 -11.33 -1.26
N TYR B 25 -28.21 -11.53 -2.53
CA TYR B 25 -29.11 -12.62 -2.91
C TYR B 25 -28.54 -13.96 -2.49
N LEU B 26 -27.29 -14.20 -2.85
CA LEU B 26 -26.64 -15.44 -2.48
CA LEU B 26 -26.64 -15.45 -2.47
C LEU B 26 -26.59 -15.60 -0.96
N ALA B 27 -26.31 -14.50 -0.25
CA ALA B 27 -26.25 -14.56 1.21
C ALA B 27 -27.58 -15.02 1.76
N GLU B 28 -28.67 -14.49 1.24
CA GLU B 28 -29.97 -14.86 1.75
C GLU B 28 -30.29 -16.33 1.47
N ARG B 29 -29.95 -16.80 0.27
CA ARG B 29 -30.19 -18.19 -0.06
C ARG B 29 -29.39 -19.13 0.84
N LEU B 30 -28.14 -18.77 1.13
CA LEU B 30 -27.31 -19.62 1.96
C LEU B 30 -27.79 -19.61 3.40
N ARG B 31 -28.19 -18.44 3.87
CA ARG B 31 -28.69 -18.34 5.23
C ARG B 31 -30.02 -19.10 5.42
N GLU B 32 -30.83 -19.18 4.38
CA GLU B 32 -32.06 -19.98 4.41
C GLU B 32 -31.74 -21.45 4.62
N ARG B 33 -30.59 -21.86 4.09
CA ARG B 33 -30.12 -23.24 4.23
CA ARG B 33 -30.13 -23.24 4.25
C ARG B 33 -29.39 -23.44 5.56
N GLY B 34 -29.31 -22.40 6.38
CA GLY B 34 -28.64 -22.48 7.67
C GLY B 34 -27.12 -22.52 7.58
N ILE B 35 -26.58 -21.95 6.52
CA ILE B 35 -25.13 -21.94 6.31
C ILE B 35 -24.53 -20.61 6.74
N GLU B 36 -23.48 -20.67 7.55
CA GLU B 36 -22.80 -19.46 8.00
C GLU B 36 -22.12 -18.73 6.83
N VAL B 37 -22.43 -17.44 6.70
CA VAL B 37 -21.87 -16.62 5.64
C VAL B 37 -21.18 -15.38 6.21
N GLN B 38 -20.01 -15.05 5.67
CA GLN B 38 -19.36 -13.79 5.97
C GLN B 38 -19.44 -12.91 4.74
N LEU B 39 -20.21 -11.82 4.81
CA LEU B 39 -20.36 -10.87 3.71
C LEU B 39 -19.27 -9.82 3.78
N THR B 40 -18.68 -9.48 2.64
CA THR B 40 -17.65 -8.48 2.66
C THR B 40 -17.43 -7.90 1.26
N ARG B 41 -16.56 -6.90 1.14
CA ARG B 41 -16.35 -6.23 -0.14
C ARG B 41 -14.99 -5.56 -0.19
N GLU B 42 -14.50 -5.33 -1.40
CA GLU B 42 -13.22 -4.64 -1.61
C GLU B 42 -13.30 -3.55 -2.66
N PRO B 43 -12.43 -2.53 -2.53
CA PRO B 43 -11.57 -2.34 -1.36
C PRO B 43 -12.44 -1.98 -0.17
N GLY B 44 -12.01 -2.44 1.01
CA GLY B 44 -12.74 -2.20 2.23
C GLY B 44 -12.82 -3.48 3.05
N GLY B 45 -13.85 -3.54 3.91
CA GLY B 45 -14.12 -4.74 4.68
C GLY B 45 -13.68 -4.71 6.13
N THR B 46 -12.85 -3.72 6.48
CA THR B 46 -12.44 -3.48 7.87
C THR B 46 -12.36 -1.97 8.04
N PRO B 47 -12.30 -1.49 9.27
CA PRO B 47 -12.25 -0.03 9.42
C PRO B 47 -11.10 0.62 8.66
N LEU B 48 -9.89 0.08 8.79
CA LEU B 48 -8.76 0.68 8.09
C LEU B 48 -8.91 0.50 6.57
N ALA B 49 -9.32 -0.68 6.14
CA ALA B 49 -9.49 -0.94 4.71
C ALA B 49 -10.53 0.00 4.10
N GLU B 50 -11.56 0.34 4.87
CA GLU B 50 -12.59 1.28 4.42
C GLU B 50 -12.05 2.71 4.30
N ARG B 51 -11.12 3.09 5.17
CA ARG B 51 -10.46 4.40 5.03
C ARG B 51 -9.60 4.43 3.77
N ILE B 52 -8.97 3.30 3.44
CA ILE B 52 -8.20 3.20 2.22
C ILE B 52 -9.13 3.28 1.00
N ARG B 53 -10.29 2.61 1.07
CA ARG B 53 -11.31 2.72 0.02
C ARG B 53 -11.66 4.18 -0.24
N GLU B 54 -11.85 4.94 0.84
CA GLU B 54 -12.22 6.33 0.69
C GLU B 54 -11.18 7.09 -0.15
N LEU B 55 -9.90 6.87 0.14
CA LEU B 55 -8.83 7.51 -0.64
C LEU B 55 -8.83 7.06 -2.09
N LEU B 56 -9.10 5.78 -2.31
CA LEU B 56 -9.13 5.23 -3.66
C LEU B 56 -10.25 5.76 -4.53
N LEU B 57 -11.38 6.06 -3.92
CA LEU B 57 -12.57 6.41 -4.71
C LEU B 57 -12.86 7.91 -4.82
N ALA B 58 -12.33 8.70 -3.90
CA ALA B 58 -12.67 10.12 -3.85
C ALA B 58 -11.93 10.90 -4.92
N PRO B 59 -12.68 11.59 -5.79
CA PRO B 59 -11.99 12.46 -6.76
C PRO B 59 -11.13 13.51 -6.08
N SER B 60 -10.01 13.85 -6.71
CA SER B 60 -9.11 14.87 -6.20
C SER B 60 -8.47 15.60 -7.36
N ASP B 61 -8.08 16.86 -7.15
CA ASP B 61 -7.36 17.60 -8.17
C ASP B 61 -5.92 17.11 -8.32
N GLU B 62 -5.47 16.33 -7.35
CA GLU B 62 -4.15 15.71 -7.43
C GLU B 62 -4.26 14.36 -8.11
N PRO B 63 -3.59 14.20 -9.26
CA PRO B 63 -3.61 12.90 -9.94
C PRO B 63 -2.95 11.83 -9.06
N MET B 64 -3.60 10.69 -8.97
CA MET B 64 -3.04 9.56 -8.21
C MET B 64 -2.19 8.73 -9.16
N ALA B 65 -0.92 8.52 -8.82
CA ALA B 65 -0.08 7.68 -9.66
C ALA B 65 -0.67 6.27 -9.73
N ALA B 66 -0.55 5.62 -10.89
CA ALA B 66 -1.05 4.27 -11.02
C ALA B 66 -0.44 3.30 -10.00
N ASP B 67 0.85 3.44 -9.74
CA ASP B 67 1.51 2.60 -8.74
C ASP B 67 0.92 2.81 -7.35
N THR B 68 0.57 4.05 -7.03
CA THR B 68 -0.04 4.36 -5.74
C THR B 68 -1.39 3.67 -5.64
N GLU B 69 -2.18 3.75 -6.71
CA GLU B 69 -3.50 3.13 -6.73
C GLU B 69 -3.37 1.62 -6.52
N LEU B 70 -2.42 1.01 -7.22
CA LEU B 70 -2.21 -0.43 -7.13
C LEU B 70 -1.80 -0.85 -5.72
N LEU B 71 -0.87 -0.09 -5.14
CA LEU B 71 -0.35 -0.40 -3.81
C LEU B 71 -1.42 -0.20 -2.74
N LEU B 72 -2.24 0.84 -2.88
CA LEU B 72 -3.35 1.05 -1.96
C LEU B 72 -4.36 -0.09 -2.04
N MET B 73 -4.71 -0.52 -3.25
CA MET B 73 -5.62 -1.66 -3.40
C MET B 73 -5.08 -2.87 -2.66
N PHE B 74 -3.78 -3.12 -2.81
CA PHE B 74 -3.22 -4.30 -2.15
C PHE B 74 -3.03 -4.12 -0.64
N ALA B 75 -2.81 -2.89 -0.20
CA ALA B 75 -2.71 -2.64 1.23
C ALA B 75 -4.05 -2.91 1.90
N ALA B 76 -5.13 -2.44 1.29
CA ALA B 76 -6.47 -2.72 1.82
C ALA B 76 -6.72 -4.22 1.81
N ARG B 77 -6.30 -4.90 0.75
CA ARG B 77 -6.49 -6.34 0.67
C ARG B 77 -5.74 -7.09 1.75
N ALA B 78 -4.48 -6.70 2.02
CA ALA B 78 -3.69 -7.33 3.07
C ALA B 78 -4.42 -7.24 4.43
N GLN B 79 -4.97 -6.07 4.71
CA GLN B 79 -5.65 -5.86 5.98
C GLN B 79 -6.93 -6.68 6.06
N HIS B 80 -7.66 -6.71 4.95
CA HIS B 80 -8.92 -7.43 4.82
C HIS B 80 -8.71 -8.93 4.97
N LEU B 81 -7.65 -9.45 4.34
CA LEU B 81 -7.33 -10.86 4.43
C LEU B 81 -7.03 -11.25 5.86
N ALA B 82 -6.22 -10.45 6.53
CA ALA B 82 -5.79 -10.78 7.89
C ALA B 82 -6.94 -10.65 8.87
N GLY B 83 -7.76 -9.62 8.71
CA GLY B 83 -8.76 -9.28 9.69
C GLY B 83 -10.08 -10.00 9.53
N VAL B 84 -10.43 -10.37 8.30
CA VAL B 84 -11.77 -10.86 8.03
C VAL B 84 -11.78 -12.16 7.24
N ILE B 85 -11.10 -12.18 6.10
CA ILE B 85 -11.22 -13.33 5.21
C ILE B 85 -10.59 -14.60 5.79
N ARG B 86 -9.33 -14.55 6.19
CA ARG B 86 -8.69 -15.76 6.71
C ARG B 86 -9.40 -16.29 7.96
N PRO B 87 -9.76 -15.41 8.90
CA PRO B 87 -10.47 -15.97 10.07
C PRO B 87 -11.81 -16.58 9.68
N ALA B 88 -12.54 -15.98 8.75
CA ALA B 88 -13.80 -16.55 8.32
C ALA B 88 -13.62 -17.93 7.68
N LEU B 89 -12.59 -18.07 6.84
CA LEU B 89 -12.34 -19.36 6.21
C LEU B 89 -11.94 -20.40 7.25
N ALA B 90 -11.18 -19.98 8.27
CA ALA B 90 -10.71 -20.91 9.28
C ALA B 90 -11.84 -21.49 10.14
N ARG B 91 -12.93 -20.75 10.30
CA ARG B 91 -14.04 -21.24 11.10
C ARG B 91 -15.16 -21.86 10.24
N GLY B 92 -14.92 -21.94 8.93
CA GLY B 92 -15.80 -22.67 8.05
C GLY B 92 -16.91 -21.86 7.40
N ALA B 93 -16.83 -20.54 7.49
CA ALA B 93 -17.81 -19.68 6.85
C ALA B 93 -17.69 -19.72 5.33
N VAL B 94 -18.81 -19.49 4.64
CA VAL B 94 -18.75 -19.11 3.23
C VAL B 94 -18.52 -17.61 3.16
N VAL B 95 -17.36 -17.23 2.66
CA VAL B 95 -17.08 -15.82 2.43
C VAL B 95 -17.64 -15.42 1.07
N LEU B 96 -18.49 -14.40 1.06
CA LEU B 96 -19.01 -13.86 -0.18
C LEU B 96 -18.43 -12.46 -0.31
N CYS B 97 -17.46 -12.31 -1.20
CA CYS B 97 -16.67 -11.09 -1.27
C CYS B 97 -16.92 -10.35 -2.58
N ASP B 98 -17.50 -9.16 -2.47
CA ASP B 98 -17.82 -8.28 -3.60
C ASP B 98 -16.51 -7.59 -4.05
N ARG B 99 -15.89 -8.17 -5.09
CA ARG B 99 -14.60 -7.78 -5.67
C ARG B 99 -13.39 -8.31 -4.92
N PHE B 100 -12.36 -8.68 -5.67
CA PHE B 100 -11.11 -9.14 -5.11
C PHE B 100 -10.04 -8.92 -6.18
N THR B 101 -9.02 -9.76 -6.22
CA THR B 101 -7.85 -9.48 -7.05
C THR B 101 -8.13 -9.53 -8.55
N ASP B 102 -9.17 -10.24 -8.99
CA ASP B 102 -9.50 -10.15 -10.41
C ASP B 102 -9.79 -8.70 -10.81
N ALA B 103 -10.44 -7.96 -9.93
CA ALA B 103 -10.70 -6.56 -10.22
C ALA B 103 -9.39 -5.80 -10.40
N THR B 104 -8.35 -6.19 -9.67
CA THR B 104 -7.06 -5.51 -9.83
C THR B 104 -6.49 -5.78 -11.23
N TYR B 105 -6.52 -7.04 -11.65
CA TYR B 105 -6.07 -7.33 -12.99
C TYR B 105 -6.90 -6.54 -14.03
N ALA B 106 -8.21 -6.44 -13.82
CA ALA B 106 -9.07 -5.78 -14.78
C ALA B 106 -8.93 -4.26 -14.81
N TYR B 107 -8.94 -3.63 -13.64
CA TYR B 107 -8.91 -2.17 -13.55
C TYR B 107 -7.49 -1.62 -13.62
N GLN B 108 -6.61 -2.13 -12.77
CA GLN B 108 -5.23 -1.66 -12.77
C GLN B 108 -4.41 -2.22 -13.93
N GLY B 109 -4.71 -3.44 -14.36
CA GLY B 109 -4.03 -4.03 -15.50
C GLY B 109 -4.65 -3.59 -16.82
N GLY B 110 -5.84 -4.10 -17.11
CA GLY B 110 -6.53 -3.76 -18.35
C GLY B 110 -6.77 -2.26 -18.50
N GLY B 111 -7.40 -1.65 -17.49
CA GLY B 111 -7.77 -0.25 -17.55
C GLY B 111 -6.58 0.69 -17.52
N ARG B 112 -5.76 0.61 -16.47
CA ARG B 112 -4.63 1.51 -16.29
C ARG B 112 -3.42 1.19 -17.16
N GLY B 113 -3.32 -0.06 -17.62
CA GLY B 113 -2.18 -0.47 -18.42
C GLY B 113 -0.96 -0.92 -17.62
N LEU B 114 -1.13 -1.19 -16.33
CA LEU B 114 -0.02 -1.74 -15.56
C LEU B 114 0.25 -3.18 -15.99
N PRO B 115 1.53 -3.54 -16.09
CA PRO B 115 1.90 -4.89 -16.53
C PRO B 115 1.31 -5.99 -15.65
N GLU B 116 0.77 -7.02 -16.28
CA GLU B 116 0.19 -8.13 -15.55
C GLU B 116 1.16 -8.74 -14.55
N ALA B 117 2.44 -8.79 -14.93
CA ALA B 117 3.46 -9.41 -14.08
C ALA B 117 3.65 -8.66 -12.77
N ARG B 118 3.45 -7.35 -12.79
CA ARG B 118 3.58 -6.55 -11.58
C ARG B 118 2.42 -6.81 -10.62
N ILE B 119 1.23 -6.97 -11.18
CA ILE B 119 0.05 -7.27 -10.37
C ILE B 119 0.20 -8.68 -9.81
N ALA B 120 0.70 -9.61 -10.64
CA ALA B 120 0.92 -10.99 -10.19
C ALA B 120 1.92 -11.03 -9.03
N ALA B 121 2.97 -10.21 -9.12
CA ALA B 121 3.95 -10.16 -8.06
C ALA B 121 3.31 -9.74 -6.73
N LEU B 122 2.45 -8.74 -6.77
CA LEU B 122 1.78 -8.31 -5.54
C LEU B 122 0.74 -9.31 -5.05
N GLU B 123 0.08 -9.98 -5.98
CA GLU B 123 -0.86 -11.02 -5.60
C GLU B 123 -0.18 -12.08 -4.74
N SER B 124 0.97 -12.57 -5.20
CA SER B 124 1.70 -13.58 -4.44
C SER B 124 2.25 -13.00 -3.14
N PHE B 125 2.73 -11.76 -3.21
CA PHE B 125 3.28 -11.07 -2.05
C PHE B 125 2.24 -11.02 -0.93
N VAL B 126 1.02 -10.63 -1.27
CA VAL B 126 -0.01 -10.39 -0.26
C VAL B 126 -0.78 -11.65 0.14
N GLN B 127 -1.05 -12.52 -0.82
CA GLN B 127 -1.97 -13.66 -0.61
C GLN B 127 -1.27 -14.99 -0.40
N GLY B 128 0.03 -15.06 -0.69
CA GLY B 128 0.66 -16.35 -0.76
C GLY B 128 -0.05 -17.17 -1.82
N ASP B 129 -0.42 -18.40 -1.49
CA ASP B 129 -1.10 -19.24 -2.46
C ASP B 129 -2.62 -19.14 -2.43
N LEU B 130 -3.16 -18.25 -1.60
CA LEU B 130 -4.61 -18.19 -1.43
C LEU B 130 -5.27 -17.57 -2.64
N ARG B 131 -6.23 -18.31 -3.22
CA ARG B 131 -7.06 -17.80 -4.30
C ARG B 131 -8.51 -18.11 -3.95
N PRO B 132 -9.45 -17.40 -4.58
CA PRO B 132 -10.85 -17.78 -4.40
C PRO B 132 -11.08 -19.21 -4.86
N ASP B 133 -11.99 -19.91 -4.18
CA ASP B 133 -12.42 -21.23 -4.61
C ASP B 133 -13.36 -21.12 -5.80
N LEU B 134 -14.07 -20.00 -5.91
CA LEU B 134 -15.05 -19.80 -6.97
C LEU B 134 -15.18 -18.32 -7.17
N THR B 135 -15.12 -17.88 -8.42
CA THR B 135 -15.30 -16.48 -8.78
C THR B 135 -16.41 -16.40 -9.80
N LEU B 136 -17.44 -15.61 -9.46
CA LEU B 136 -18.60 -15.42 -10.31
C LEU B 136 -18.41 -14.13 -11.05
N VAL B 137 -18.36 -14.20 -12.38
CA VAL B 137 -18.20 -13.03 -13.22
C VAL B 137 -19.54 -12.66 -13.81
N PHE B 138 -20.02 -11.47 -13.46
CA PHE B 138 -21.29 -10.96 -13.97
C PHE B 138 -20.98 -10.14 -15.20
N ASP B 139 -21.08 -10.78 -16.36
CA ASP B 139 -20.65 -10.18 -17.61
C ASP B 139 -21.83 -9.62 -18.40
N LEU B 140 -21.63 -8.45 -19.00
CA LEU B 140 -22.63 -7.83 -19.88
C LEU B 140 -21.98 -6.70 -20.66
N PRO B 141 -22.62 -6.27 -21.75
CA PRO B 141 -22.12 -5.12 -22.50
C PRO B 141 -21.97 -3.92 -21.56
N VAL B 142 -20.85 -3.22 -21.66
CA VAL B 142 -20.54 -2.22 -20.64
C VAL B 142 -21.61 -1.12 -20.61
N GLU B 143 -22.18 -0.82 -21.77
CA GLU B 143 -23.18 0.23 -21.84
C GLU B 143 -24.44 -0.10 -21.05
N ILE B 144 -24.81 -1.38 -20.99
CA ILE B 144 -25.97 -1.78 -20.20
C ILE B 144 -25.70 -1.57 -18.71
N GLY B 145 -24.53 -2.01 -18.24
CA GLY B 145 -24.13 -1.80 -16.86
C GLY B 145 -24.08 -0.33 -16.49
N LEU B 146 -23.45 0.47 -17.34
CA LEU B 146 -23.31 1.90 -17.08
C LEU B 146 -24.67 2.59 -17.04
N ALA B 147 -25.61 2.16 -17.88
CA ALA B 147 -26.93 2.76 -17.89
C ALA B 147 -27.76 2.41 -16.65
N ARG B 148 -27.34 1.39 -15.92
CA ARG B 148 -27.97 1.08 -14.64
C ARG B 148 -27.36 1.98 -13.59
N ALA B 149 -26.03 1.95 -13.50
CA ALA B 149 -25.28 2.72 -12.53
C ALA B 149 -25.61 4.21 -12.58
N ARG B 154 -23.28 11.59 -8.52
CA ARG B 154 -21.85 11.88 -8.48
C ARG B 154 -21.02 10.61 -8.66
N LEU B 155 -19.97 10.71 -9.46
CA LEU B 155 -19.19 9.54 -9.86
C LEU B 155 -17.85 9.49 -9.15
N ASP B 156 -17.44 8.30 -8.72
CA ASP B 156 -16.14 8.12 -8.08
C ASP B 156 -15.03 8.09 -9.12
N ARG B 157 -13.79 7.99 -8.66
CA ARG B 157 -12.64 8.06 -9.55
C ARG B 157 -12.72 7.09 -10.73
N PHE B 158 -13.19 5.89 -10.49
CA PHE B 158 -13.24 4.88 -11.55
C PHE B 158 -14.44 5.08 -12.46
N GLU B 159 -15.54 5.54 -11.89
CA GLU B 159 -16.75 5.80 -12.66
C GLU B 159 -16.54 6.93 -13.67
N GLN B 160 -15.51 7.76 -13.47
CA GLN B 160 -15.17 8.86 -14.37
C GLN B 160 -14.38 8.46 -15.62
N GLU B 161 -13.99 7.19 -15.72
CA GLU B 161 -13.17 6.75 -16.85
C GLU B 161 -13.97 6.60 -18.13
N ASP B 162 -13.29 6.40 -19.25
CA ASP B 162 -13.97 6.31 -20.54
C ASP B 162 -14.36 4.90 -20.95
N ARG B 163 -15.05 4.79 -22.08
CA ARG B 163 -15.62 3.53 -22.46
C ARG B 163 -14.56 2.49 -22.78
N ARG B 164 -13.43 2.91 -23.35
CA ARG B 164 -12.34 1.98 -23.63
C ARG B 164 -11.74 1.38 -22.35
N PHE B 165 -11.67 2.19 -21.29
CA PHE B 165 -11.23 1.71 -19.99
C PHE B 165 -12.18 0.60 -19.53
N PHE B 166 -13.49 0.85 -19.62
CA PHE B 166 -14.45 -0.15 -19.17
C PHE B 166 -14.48 -1.38 -20.06
N GLU B 167 -14.26 -1.22 -21.36
CA GLU B 167 -14.17 -2.38 -22.24
C GLU B 167 -12.95 -3.24 -21.90
N ALA B 168 -11.82 -2.58 -21.58
CA ALA B 168 -10.64 -3.32 -21.14
C ALA B 168 -10.94 -4.10 -19.85
N VAL B 169 -11.64 -3.46 -18.92
CA VAL B 169 -12.08 -4.13 -17.70
C VAL B 169 -12.90 -5.37 -18.03
N ARG B 170 -13.94 -5.19 -18.86
CA ARG B 170 -14.81 -6.31 -19.20
C ARG B 170 -14.01 -7.45 -19.83
N GLN B 171 -13.19 -7.12 -20.82
CA GLN B 171 -12.45 -8.14 -21.55
C GLN B 171 -11.40 -8.84 -20.71
N THR B 172 -10.79 -8.11 -19.77
CA THR B 172 -9.83 -8.74 -18.87
C THR B 172 -10.52 -9.80 -18.00
N TYR B 173 -11.69 -9.47 -17.45
CA TYR B 173 -12.40 -10.46 -16.67
C TYR B 173 -12.68 -11.72 -17.50
N LEU B 174 -13.12 -11.54 -18.75
CA LEU B 174 -13.46 -12.66 -19.60
C LEU B 174 -12.23 -13.49 -19.93
N GLN B 175 -11.11 -12.83 -20.18
CA GLN B 175 -9.88 -13.53 -20.51
CA GLN B 175 -9.87 -13.52 -20.51
C GLN B 175 -9.42 -14.38 -19.34
N ARG B 176 -9.47 -13.81 -18.14
CA ARG B 176 -9.02 -14.56 -16.98
C ARG B 176 -9.91 -15.74 -16.70
N ALA B 177 -11.21 -15.55 -16.90
CA ALA B 177 -12.14 -16.66 -16.73
C ALA B 177 -11.90 -17.77 -17.74
N ALA B 178 -11.55 -17.41 -18.97
CA ALA B 178 -11.34 -18.41 -20.02
C ALA B 178 -10.05 -19.20 -19.79
N GLN B 179 -9.09 -18.59 -19.12
CA GLN B 179 -7.79 -19.20 -18.86
CA GLN B 179 -7.80 -19.22 -18.88
C GLN B 179 -7.84 -20.20 -17.71
N ALA B 180 -8.75 -19.96 -16.78
CA ALA B 180 -8.83 -20.80 -15.58
C ALA B 180 -10.27 -21.17 -15.27
N PRO B 181 -10.92 -21.88 -16.21
CA PRO B 181 -12.36 -22.13 -16.09
C PRO B 181 -12.76 -22.98 -14.88
N GLU B 182 -11.82 -23.71 -14.29
CA GLU B 182 -12.12 -24.51 -13.12
C GLU B 182 -12.51 -23.62 -11.92
N ARG B 183 -12.12 -22.35 -11.97
CA ARG B 183 -12.33 -21.46 -10.83
CA ARG B 183 -12.30 -21.44 -10.84
C ARG B 183 -13.41 -20.42 -11.05
N TYR B 184 -13.79 -20.22 -12.31
CA TYR B 184 -14.72 -19.14 -12.64
C TYR B 184 -16.04 -19.66 -13.20
N GLN B 185 -17.10 -18.91 -12.94
CA GLN B 185 -18.36 -19.12 -13.65
C GLN B 185 -18.77 -17.77 -14.18
N VAL B 186 -19.00 -17.69 -15.49
CA VAL B 186 -19.43 -16.46 -16.13
C VAL B 186 -20.94 -16.50 -16.29
N LEU B 187 -21.60 -15.50 -15.72
CA LEU B 187 -23.05 -15.35 -15.81
CA LEU B 187 -23.05 -15.36 -15.82
C LEU B 187 -23.37 -14.21 -16.76
N ASP B 188 -24.48 -14.35 -17.48
CA ASP B 188 -24.96 -13.26 -18.32
C ASP B 188 -25.75 -12.26 -17.49
N ALA B 189 -25.08 -11.20 -17.08
CA ALA B 189 -25.67 -10.22 -16.20
C ALA B 189 -26.56 -9.24 -16.97
N GLY B 190 -26.65 -9.42 -18.29
CA GLY B 190 -27.54 -8.62 -19.12
C GLY B 190 -28.95 -9.17 -19.18
N LEU B 191 -29.16 -10.34 -18.59
CA LEU B 191 -30.50 -10.89 -18.45
C LEU B 191 -31.25 -10.13 -17.37
N PRO B 192 -32.59 -10.25 -17.34
CA PRO B 192 -33.34 -9.70 -16.21
C PRO B 192 -32.81 -10.25 -14.89
N LEU B 193 -32.90 -9.46 -13.82
CA LEU B 193 -32.36 -9.86 -12.54
C LEU B 193 -32.90 -11.22 -12.12
N ALA B 194 -34.19 -11.46 -12.33
CA ALA B 194 -34.78 -12.72 -11.89
C ALA B 194 -34.13 -13.90 -12.59
N GLU B 195 -33.71 -13.69 -13.84
CA GLU B 195 -33.03 -14.76 -14.58
C GLU B 195 -31.56 -14.93 -14.19
N VAL B 196 -30.89 -13.83 -13.88
CA VAL B 196 -29.56 -13.91 -13.29
C VAL B 196 -29.65 -14.74 -12.01
N GLN B 197 -30.64 -14.45 -11.19
CA GLN B 197 -30.77 -15.12 -9.90
C GLN B 197 -31.18 -16.58 -10.04
N ALA B 198 -31.98 -16.90 -11.06
CA ALA B 198 -32.27 -18.30 -11.37
C ALA B 198 -30.96 -19.03 -11.70
N GLY B 199 -30.07 -18.34 -12.40
CA GLY B 199 -28.76 -18.90 -12.73
C GLY B 199 -27.95 -19.18 -11.49
N LEU B 200 -28.02 -18.27 -10.53
CA LEU B 200 -27.34 -18.46 -9.25
C LEU B 200 -27.95 -19.65 -8.52
N ASP B 201 -29.28 -19.77 -8.54
CA ASP B 201 -29.91 -20.93 -7.94
C ASP B 201 -29.36 -22.21 -8.54
N ARG B 202 -29.15 -22.22 -9.86
CA ARG B 202 -28.68 -23.40 -10.57
C ARG B 202 -27.26 -23.79 -10.17
N LEU B 203 -26.45 -22.81 -9.80
CA LEU B 203 -25.06 -23.11 -9.46
C LEU B 203 -24.86 -23.37 -7.97
N LEU B 204 -25.90 -23.15 -7.18
CA LEU B 204 -25.80 -23.33 -5.74
CA LEU B 204 -25.80 -23.32 -5.74
C LEU B 204 -25.38 -24.74 -5.34
N PRO B 205 -25.94 -25.77 -6.01
CA PRO B 205 -25.51 -27.12 -5.66
C PRO B 205 -24.01 -27.33 -5.83
N ASN B 206 -23.42 -26.76 -6.89
CA ASN B 206 -21.98 -26.87 -7.09
C ASN B 206 -21.19 -26.07 -6.07
N LEU B 207 -21.70 -24.90 -5.72
CA LEU B 207 -21.07 -24.10 -4.67
C LEU B 207 -21.02 -24.93 -3.39
N LEU B 208 -22.14 -25.58 -3.06
CA LEU B 208 -22.23 -26.37 -1.84
C LEU B 208 -21.31 -27.59 -1.92
N GLU B 209 -21.15 -28.15 -3.10
CA GLU B 209 -20.24 -29.27 -3.33
C GLU B 209 -18.78 -28.87 -3.07
N ARG B 210 -18.43 -27.64 -3.46
CA ARG B 210 -17.08 -27.13 -3.20
C ARG B 210 -16.89 -26.90 -1.70
N LEU B 211 -17.94 -26.38 -1.05
CA LEU B 211 -17.91 -26.18 0.40
C LEU B 211 -17.71 -27.50 1.15
N ASN B 212 -18.40 -28.54 0.71
CA ASN B 212 -18.31 -29.86 1.34
C ASN B 212 -17.04 -30.61 0.93
N GLY B 213 -16.52 -30.30 -0.25
CA GLY B 213 -15.33 -30.95 -0.76
C GLY B 213 -14.04 -30.29 -0.31
#